data_4IT6
#
_entry.id   4IT6
#
_cell.length_a   87.503
_cell.length_b   46.461
_cell.length_c   69.146
_cell.angle_alpha   90.000
_cell.angle_beta   105.640
_cell.angle_gamma   90.000
#
_symmetry.space_group_name_H-M   'C 1 2 1'
#
loop_
_entity.id
_entity.type
_entity.pdbx_description
1 polymer CG17282
2 non-polymer 'FORMIC ACID'
3 non-polymer DI(HYDROXYETHYL)ETHER
4 water water
#
_entity_poly.entity_id   1
_entity_poly.type   'polypeptide(L)'
_entity_poly.pdbx_seq_one_letter_code
;GPGS(MSE)DWYVGTEWEDKNRGLAKKVIGLQFTE(MSE)DKPTIISTVEFSVNKKATNLGGRPSKYLVSDESATYPQKH
SLE(MSE)GTSLTAVDCYLELLLQQFVPGETAACSITTKTGERIEFELKLEKIVKN
;
_entity_poly.pdbx_strand_id   A,B
#
loop_
_chem_comp.id
_chem_comp.type
_chem_comp.name
_chem_comp.formula
FMT non-polymer 'FORMIC ACID' 'C H2 O2'
PEG non-polymer DI(HYDROXYETHYL)ETHER 'C4 H10 O3'
#
# COMPACT_ATOMS: atom_id res chain seq x y z
N ASP A 6 -8.27 -7.65 -4.26
CA ASP A 6 -9.33 -6.69 -4.04
C ASP A 6 -9.12 -5.87 -2.77
N TRP A 7 -9.93 -6.13 -1.75
CA TRP A 7 -9.90 -5.36 -0.51
C TRP A 7 -8.75 -5.78 0.39
N TYR A 8 -8.08 -4.81 1.00
CA TYR A 8 -7.00 -5.08 1.94
C TYR A 8 -7.44 -4.77 3.36
N VAL A 9 -7.96 -3.57 3.56
CA VAL A 9 -8.48 -3.19 4.86
C VAL A 9 -9.54 -4.22 5.24
N GLY A 10 -9.49 -4.66 6.49
CA GLY A 10 -10.45 -5.64 6.99
C GLY A 10 -9.95 -7.07 6.83
N THR A 11 -8.75 -7.21 6.26
CA THR A 11 -8.16 -8.53 6.06
C THR A 11 -7.49 -9.02 7.33
N GLU A 12 -7.34 -10.35 7.44
CA GLU A 12 -6.72 -10.95 8.60
C GLU A 12 -5.54 -11.83 8.21
N TRP A 13 -4.48 -11.76 9.00
CA TRP A 13 -3.31 -12.61 8.83
C TRP A 13 -3.08 -13.33 10.15
N GLU A 14 -2.67 -14.59 10.08
CA GLU A 14 -2.45 -15.34 11.30
C GLU A 14 -1.24 -16.25 11.18
N ASP A 15 -0.46 -16.34 12.25
CA ASP A 15 0.49 -17.43 12.44
C ASP A 15 -0.04 -18.19 13.63
N LYS A 16 -0.88 -19.19 13.36
CA LYS A 16 -1.56 -19.97 14.41
C LYS A 16 -0.61 -20.76 15.27
N ASN A 17 0.53 -21.11 14.72
CA ASN A 17 1.48 -21.92 15.48
C ASN A 17 2.16 -21.12 16.58
N ARG A 18 2.30 -19.82 16.37
CA ARG A 18 2.92 -18.97 17.37
C ARG A 18 1.99 -17.92 17.98
N GLY A 19 0.70 -18.09 17.77
CA GLY A 19 -0.28 -17.22 18.40
C GLY A 19 -0.26 -15.76 17.96
N LEU A 20 0.08 -15.52 16.69
CA LEU A 20 0.17 -14.14 16.21
C LEU A 20 -0.98 -13.85 15.27
N ALA A 21 -1.62 -12.70 15.46
CA ALA A 21 -2.67 -12.27 14.54
C ALA A 21 -2.64 -10.75 14.25
N LYS A 22 -3.07 -10.40 13.05
CA LYS A 22 -3.08 -9.01 12.59
C LYS A 22 -4.39 -8.81 11.83
N LYS A 23 -5.06 -7.68 12.06
CA LYS A 23 -6.25 -7.31 11.32
C LYS A 23 -6.04 -5.88 10.80
N VAL A 24 -6.08 -5.68 9.48
CA VAL A 24 -5.83 -4.36 8.91
C VAL A 24 -7.05 -3.48 9.18
N ILE A 25 -6.83 -2.30 9.73
CA ILE A 25 -7.97 -1.45 10.05
C ILE A 25 -7.85 -0.12 9.32
N GLY A 26 -6.71 0.13 8.69
CA GLY A 26 -6.50 1.39 8.01
C GLY A 26 -5.34 1.42 7.03
N LEU A 27 -5.49 2.26 6.01
CA LEU A 27 -4.46 2.48 5.01
C LEU A 27 -4.34 3.96 4.69
N GLN A 28 -3.18 4.53 4.95
CA GLN A 28 -2.92 5.93 4.64
C GLN A 28 -1.63 6.07 3.85
N PHE A 29 -1.77 6.32 2.55
CA PHE A 29 -0.61 6.45 1.68
C PHE A 29 -0.26 7.92 1.49
N THR A 30 1.00 8.19 1.20
CA THR A 30 1.47 9.57 1.01
C THR A 30 2.25 9.67 -0.29
N GLU A 31 2.64 10.88 -0.67
CA GLU A 31 3.40 11.06 -1.90
C GLU A 31 4.64 10.18 -1.91
N MSE A 32 5.10 9.80 -0.72
CA MSE A 32 6.31 9.00 -0.57
C MSE A 32 6.17 7.60 -1.16
O MSE A 32 7.16 6.98 -1.51
CB MSE A 32 6.68 8.88 0.91
CG MSE A 32 6.89 10.21 1.61
SE MSE A 32 8.11 11.34 0.62
CE MSE A 32 9.69 10.19 0.66
N ASP A 33 4.93 7.13 -1.27
CA ASP A 33 4.68 5.76 -1.72
C ASP A 33 4.34 5.68 -3.21
N LYS A 34 4.20 6.83 -3.86
CA LYS A 34 3.80 6.89 -5.25
C LYS A 34 4.96 7.19 -6.18
N PRO A 35 4.82 6.82 -7.46
CA PRO A 35 5.85 7.15 -8.45
C PRO A 35 6.06 8.65 -8.51
N THR A 36 7.32 9.06 -8.67
CA THR A 36 7.63 10.47 -8.79
C THR A 36 7.82 10.87 -10.26
N ILE A 37 7.95 12.16 -10.48
CA ILE A 37 8.17 12.70 -11.81
C ILE A 37 9.37 12.09 -12.53
N ILE A 38 10.35 11.56 -11.80
CA ILE A 38 11.52 10.97 -12.46
C ILE A 38 11.66 9.46 -12.28
N SER A 39 10.55 8.76 -12.10
CA SER A 39 10.63 7.35 -11.75
C SER A 39 10.56 6.48 -12.99
N THR A 40 10.86 5.19 -12.84
CA THR A 40 10.55 4.22 -13.88
C THR A 40 9.68 3.18 -13.20
N VAL A 41 8.59 2.80 -13.87
CA VAL A 41 7.63 1.89 -13.26
C VAL A 41 7.35 0.73 -14.20
N GLU A 42 6.81 -0.34 -13.64
CA GLU A 42 6.24 -1.42 -14.45
C GLU A 42 4.76 -1.53 -14.09
N PHE A 43 3.91 -1.58 -15.10
CA PHE A 43 2.48 -1.61 -14.88
C PHE A 43 1.81 -2.53 -15.87
N SER A 44 0.54 -2.82 -15.62
CA SER A 44 -0.28 -3.66 -16.48
C SER A 44 -1.50 -2.92 -16.95
N VAL A 45 -1.94 -3.25 -18.17
CA VAL A 45 -3.23 -2.80 -18.68
C VAL A 45 -4.10 -4.05 -18.71
N ASN A 46 -5.27 -4.00 -18.08
CA ASN A 46 -6.04 -5.23 -17.83
C ASN A 46 -7.02 -5.63 -18.92
N LYS A 47 -7.34 -4.72 -19.82
CA LYS A 47 -8.27 -5.00 -20.92
C LYS A 47 -8.24 -3.88 -21.93
N LYS A 48 -8.88 -4.06 -23.08
CA LYS A 48 -8.88 -3.03 -24.11
C LYS A 48 -9.50 -1.74 -23.57
N ALA A 49 -8.94 -0.59 -23.92
CA ALA A 49 -9.51 0.66 -23.45
C ALA A 49 -10.84 0.95 -24.14
N THR A 50 -11.68 1.76 -23.49
CA THR A 50 -12.95 2.16 -24.08
C THR A 50 -12.84 3.56 -24.68
N ASN A 51 -13.31 3.71 -25.92
CA ASN A 51 -13.38 4.99 -26.60
C ASN A 51 -12.00 5.61 -26.90
N LEU A 52 -10.99 4.76 -27.06
CA LEU A 52 -9.66 5.24 -27.39
C LEU A 52 -9.66 5.87 -28.77
N GLY A 53 -10.60 5.42 -29.61
CA GLY A 53 -10.66 5.87 -30.99
C GLY A 53 -9.39 5.47 -31.71
N GLY A 54 -8.87 6.37 -32.53
CA GLY A 54 -7.63 6.12 -33.24
C GLY A 54 -6.46 6.84 -32.60
N ARG A 55 -6.68 7.39 -31.41
CA ARG A 55 -5.65 8.12 -30.69
C ARG A 55 -4.40 7.25 -30.48
N PRO A 56 -3.25 7.81 -30.78
CA PRO A 56 -1.99 7.06 -30.70
C PRO A 56 -1.61 6.81 -29.24
N SER A 57 -1.22 5.58 -28.95
CA SER A 57 -0.73 5.23 -27.62
C SER A 57 0.22 4.06 -27.76
N LYS A 58 1.36 4.14 -27.09
CA LYS A 58 2.24 2.98 -26.99
C LYS A 58 1.65 1.95 -26.03
N TYR A 59 0.86 2.42 -25.07
CA TYR A 59 0.43 1.55 -23.98
C TYR A 59 -1.01 1.04 -24.10
N LEU A 60 -1.89 1.84 -24.67
CA LEU A 60 -3.29 1.44 -24.79
C LEU A 60 -3.57 0.88 -26.18
N VAL A 61 -4.55 -0.03 -26.26
CA VAL A 61 -4.92 -0.66 -27.51
C VAL A 61 -6.41 -0.50 -27.79
N ALA A 66 -6.13 -7.95 -29.14
CA ALA A 66 -4.97 -8.11 -28.27
C ALA A 66 -5.29 -9.03 -27.10
N THR A 67 -4.24 -9.51 -26.43
CA THR A 67 -4.40 -10.41 -25.29
C THR A 67 -4.00 -9.69 -24.01
N TYR A 68 -4.64 -10.07 -22.90
CA TYR A 68 -4.39 -9.40 -21.63
C TYR A 68 -4.07 -10.36 -20.50
N PRO A 69 -3.42 -9.84 -19.45
CA PRO A 69 -3.12 -8.41 -19.38
C PRO A 69 -1.92 -8.01 -20.24
N GLN A 70 -1.79 -6.72 -20.52
CA GLN A 70 -0.67 -6.20 -21.28
C GLN A 70 0.33 -5.57 -20.33
N LYS A 71 1.55 -6.09 -20.32
CA LYS A 71 2.59 -5.61 -19.41
C LYS A 71 3.42 -4.51 -20.05
N HIS A 72 3.86 -3.55 -19.24
CA HIS A 72 4.68 -2.46 -19.73
C HIS A 72 5.68 -1.92 -18.71
N SER A 73 6.72 -1.30 -19.26
CA SER A 73 7.69 -0.59 -18.46
C SER A 73 7.69 0.85 -18.96
N LEU A 74 7.66 1.81 -18.05
CA LEU A 74 7.54 3.21 -18.45
C LEU A 74 8.51 4.12 -17.68
N GLU A 75 9.38 4.81 -18.41
CA GLU A 75 10.26 5.80 -17.82
C GLU A 75 9.58 7.15 -17.91
N MSE A 76 9.18 7.70 -16.77
CA MSE A 76 8.47 8.97 -16.75
C MSE A 76 9.23 10.05 -17.52
O MSE A 76 10.46 10.12 -17.45
CB MSE A 76 8.22 9.42 -15.31
CG MSE A 76 7.43 8.43 -14.49
SE MSE A 76 5.58 8.23 -15.09
CE MSE A 76 4.97 6.91 -13.81
N GLY A 77 8.50 10.86 -18.27
CA GLY A 77 9.09 11.93 -19.06
C GLY A 77 9.44 11.53 -20.47
N THR A 78 9.15 10.28 -20.84
CA THR A 78 9.53 9.77 -22.16
C THR A 78 8.37 9.68 -23.16
N SER A 79 7.14 9.81 -22.67
CA SER A 79 5.96 9.67 -23.54
C SER A 79 5.88 10.77 -24.60
N LEU A 80 5.34 10.41 -25.77
CA LEU A 80 5.31 11.35 -26.90
C LEU A 80 3.91 11.72 -27.40
N THR A 81 2.89 11.04 -26.88
CA THR A 81 1.52 11.26 -27.29
C THR A 81 0.67 11.76 -26.13
N ALA A 82 -0.36 12.51 -26.45
CA ALA A 82 -1.22 13.08 -25.42
C ALA A 82 -1.69 11.98 -24.47
N VAL A 83 -2.23 10.89 -25.02
CA VAL A 83 -2.75 9.84 -24.16
C VAL A 83 -1.65 9.29 -23.24
N ASP A 84 -0.47 9.03 -23.79
CA ASP A 84 0.57 8.48 -22.94
C ASP A 84 0.99 9.46 -21.86
N CYS A 85 0.99 10.74 -22.19
CA CYS A 85 1.42 11.74 -21.21
C CYS A 85 0.46 11.80 -20.06
N TYR A 86 -0.83 11.67 -20.36
CA TYR A 86 -1.84 11.69 -19.32
C TYR A 86 -1.81 10.41 -18.49
N LEU A 87 -1.47 9.30 -19.14
CA LEU A 87 -1.29 8.04 -18.43
C LEU A 87 -0.08 8.03 -17.47
N GLU A 88 0.98 8.77 -17.81
CA GLU A 88 2.04 9.02 -16.83
C GLU A 88 1.55 9.73 -15.56
N LEU A 89 0.76 10.78 -15.75
CA LEU A 89 0.25 11.56 -14.63
C LEU A 89 -0.65 10.72 -13.73
N LEU A 90 -1.46 9.86 -14.35
CA LEU A 90 -2.36 8.99 -13.59
C LEU A 90 -1.56 7.96 -12.79
N LEU A 91 -0.60 7.31 -13.44
CA LEU A 91 0.21 6.30 -12.78
C LEU A 91 0.98 6.89 -11.62
N GLN A 92 1.24 8.19 -11.69
CA GLN A 92 1.97 8.86 -10.62
C GLN A 92 1.09 9.06 -9.40
N GLN A 93 -0.19 8.71 -9.51
CA GLN A 93 -1.07 8.75 -8.35
C GLN A 93 -1.37 7.36 -7.73
N PHE A 94 -0.74 6.31 -8.27
CA PHE A 94 -0.91 4.92 -7.78
C PHE A 94 0.11 4.57 -6.70
N VAL A 95 -0.20 3.52 -5.94
CA VAL A 95 0.81 2.82 -5.16
C VAL A 95 1.03 1.42 -5.76
N PRO A 96 2.26 0.90 -5.65
CA PRO A 96 2.55 -0.43 -6.20
C PRO A 96 1.60 -1.43 -5.60
N GLY A 97 0.91 -2.19 -6.46
CA GLY A 97 -0.07 -3.16 -6.02
C GLY A 97 -1.51 -2.73 -6.27
N GLU A 98 -1.70 -1.47 -6.65
CA GLU A 98 -3.04 -0.92 -6.85
C GLU A 98 -3.54 -1.05 -8.28
N THR A 99 -4.79 -1.50 -8.41
CA THR A 99 -5.50 -1.53 -9.68
C THR A 99 -6.58 -0.45 -9.57
N ALA A 100 -6.72 0.35 -10.62
CA ALA A 100 -7.68 1.44 -10.63
C ALA A 100 -8.34 1.60 -12.00
N ALA A 101 -9.61 1.96 -11.99
CA ALA A 101 -10.34 2.32 -13.20
C ALA A 101 -10.03 3.78 -13.43
N CYS A 102 -9.46 4.10 -14.60
CA CYS A 102 -9.02 5.46 -14.91
C CYS A 102 -9.74 6.03 -16.13
N SER A 103 -9.80 7.36 -16.21
CA SER A 103 -10.32 7.99 -17.43
C SER A 103 -9.62 9.28 -17.76
N ILE A 104 -9.61 9.60 -19.04
CA ILE A 104 -9.15 10.88 -19.53
C ILE A 104 -10.31 11.47 -20.28
N THR A 105 -10.79 12.63 -19.86
CA THR A 105 -11.84 13.34 -20.60
C THR A 105 -11.23 14.52 -21.37
N THR A 106 -11.48 14.59 -22.67
CA THR A 106 -10.90 15.64 -23.50
C THR A 106 -11.77 16.90 -23.53
N LYS A 107 -11.20 17.94 -24.15
CA LYS A 107 -11.89 19.20 -24.41
C LYS A 107 -13.22 19.05 -25.17
N THR A 108 -13.37 17.98 -25.92
CA THR A 108 -14.62 17.79 -26.65
C THR A 108 -15.61 17.01 -25.81
N GLY A 109 -15.11 16.33 -24.78
CA GLY A 109 -15.98 15.55 -23.93
C GLY A 109 -15.96 14.06 -24.23
N GLU A 110 -15.01 13.64 -25.06
CA GLU A 110 -14.79 12.22 -25.31
C GLU A 110 -14.01 11.68 -24.13
N ARG A 111 -14.52 10.64 -23.50
CA ARG A 111 -13.82 10.04 -22.38
C ARG A 111 -13.22 8.68 -22.72
N ILE A 112 -11.93 8.55 -22.48
CA ILE A 112 -11.23 7.29 -22.68
C ILE A 112 -11.18 6.56 -21.34
N GLU A 113 -11.54 5.28 -21.34
CA GLU A 113 -11.62 4.52 -20.11
C GLU A 113 -10.71 3.31 -20.15
N PHE A 114 -9.99 3.06 -19.06
CA PHE A 114 -9.07 1.97 -19.03
C PHE A 114 -8.75 1.55 -17.60
N GLU A 115 -8.16 0.38 -17.47
CA GLU A 115 -7.91 -0.18 -16.15
C GLU A 115 -6.44 -0.56 -16.03
N LEU A 116 -5.76 -0.04 -15.01
CA LEU A 116 -4.31 -0.20 -14.91
C LEU A 116 -4.00 -0.84 -13.58
N LYS A 117 -2.87 -1.55 -13.52
CA LYS A 117 -2.29 -1.96 -12.24
C LYS A 117 -0.83 -1.51 -12.16
N LEU A 118 -0.48 -0.82 -11.08
CA LEU A 118 0.91 -0.42 -10.86
C LEU A 118 1.58 -1.58 -10.18
N GLU A 119 2.49 -2.24 -10.88
CA GLU A 119 3.15 -3.42 -10.36
C GLU A 119 4.35 -3.03 -9.51
N LYS A 120 5.20 -2.15 -10.03
CA LYS A 120 6.36 -1.75 -9.23
C LYS A 120 7.06 -0.46 -9.68
N ILE A 121 7.74 0.16 -8.72
CA ILE A 121 8.57 1.33 -8.98
C ILE A 121 10.03 0.90 -9.03
N VAL A 122 10.59 0.87 -10.23
CA VAL A 122 11.96 0.44 -10.43
C VAL A 122 12.94 1.53 -10.02
N MSE B 5 -13.20 2.75 9.54
CA MSE B 5 -11.84 2.39 9.14
C MSE B 5 -11.33 3.31 8.04
O MSE B 5 -12.10 3.99 7.38
CB MSE B 5 -11.79 0.93 8.69
CG MSE B 5 -12.05 -0.08 9.79
SE MSE B 5 -12.06 -1.92 9.16
CE MSE B 5 -12.48 -2.82 10.85
N ASP B 6 -10.01 3.32 7.86
CA ASP B 6 -9.40 4.13 6.81
C ASP B 6 -9.19 3.31 5.54
N TRP B 7 -10.17 3.34 4.66
CA TRP B 7 -10.14 2.55 3.43
C TRP B 7 -9.39 3.26 2.30
N TYR B 8 -8.80 2.47 1.41
CA TYR B 8 -8.16 3.01 0.22
C TYR B 8 -8.93 2.58 -1.01
N VAL B 9 -9.24 1.30 -1.10
CA VAL B 9 -10.03 0.78 -2.21
C VAL B 9 -11.37 1.51 -2.20
N GLY B 10 -11.82 1.91 -3.39
CA GLY B 10 -13.05 2.67 -3.53
C GLY B 10 -12.77 4.16 -3.54
N THR B 11 -11.54 4.53 -3.23
CA THR B 11 -11.14 5.94 -3.20
C THR B 11 -11.14 6.52 -4.61
N GLU B 12 -11.48 7.81 -4.71
CA GLU B 12 -11.52 8.50 -5.99
C GLU B 12 -10.58 9.69 -6.00
N TRP B 13 -9.82 9.83 -7.09
CA TRP B 13 -8.92 10.96 -7.25
C TRP B 13 -9.28 11.68 -8.52
N GLU B 14 -9.21 13.00 -8.53
CA GLU B 14 -9.55 13.73 -9.74
C GLU B 14 -8.64 14.92 -9.98
N ASP B 15 -8.28 15.15 -11.23
CA ASP B 15 -7.72 16.43 -11.65
C ASP B 15 -8.75 16.96 -12.60
N LYS B 16 -9.69 17.73 -12.05
CA LYS B 16 -10.82 18.28 -12.80
C LYS B 16 -10.40 19.21 -13.89
N ASN B 17 -9.29 19.92 -13.67
CA ASN B 17 -8.83 20.89 -14.65
C ASN B 17 -8.34 20.22 -15.94
N ARG B 18 -7.80 19.03 -15.81
CA ARG B 18 -7.32 18.34 -16.98
C ARG B 18 -8.08 17.07 -17.34
N GLY B 19 -9.28 16.91 -16.78
CA GLY B 19 -10.14 15.78 -17.13
C GLY B 19 -9.61 14.40 -16.76
N LEU B 20 -8.89 14.29 -15.64
CA LEU B 20 -8.32 13.01 -15.25
C LEU B 20 -9.04 12.49 -14.03
N ALA B 21 -9.42 11.21 -14.05
CA ALA B 21 -10.11 10.59 -12.93
C ALA B 21 -9.61 9.17 -12.69
N LYS B 22 -9.53 8.79 -11.42
CA LYS B 22 -9.06 7.46 -11.06
C LYS B 22 -9.85 6.89 -9.88
N LYS B 23 -10.18 5.60 -9.97
CA LYS B 23 -10.94 4.94 -8.91
C LYS B 23 -10.30 3.62 -8.52
N VAL B 24 -9.75 3.55 -7.31
CA VAL B 24 -9.10 2.35 -6.83
C VAL B 24 -10.11 1.22 -6.73
N ILE B 25 -9.82 0.09 -7.36
CA ILE B 25 -10.79 -1.00 -7.38
C ILE B 25 -10.18 -2.23 -6.76
N GLY B 26 -8.88 -2.20 -6.54
CA GLY B 26 -8.23 -3.32 -5.88
C GLY B 26 -6.83 -3.03 -5.38
N LEU B 27 -6.40 -3.84 -4.41
CA LEU B 27 -5.06 -3.78 -3.86
C LEU B 27 -4.51 -5.20 -3.74
N GLN B 28 -3.31 -5.39 -4.25
CA GLN B 28 -2.64 -6.70 -4.17
C GLN B 28 -1.18 -6.50 -3.78
N PHE B 29 -0.88 -6.75 -2.51
CA PHE B 29 0.48 -6.56 -2.01
C PHE B 29 1.23 -7.89 -2.00
N THR B 30 2.55 -7.81 -2.10
CA THR B 30 3.37 -9.02 -2.12
C THR B 30 4.51 -8.88 -1.12
N GLU B 31 5.28 -9.95 -0.95
CA GLU B 31 6.41 -9.92 -0.03
C GLU B 31 7.34 -8.76 -0.36
N MSE B 32 7.31 -8.31 -1.60
CA MSE B 32 8.18 -7.24 -2.06
C MSE B 32 7.84 -5.90 -1.40
O MSE B 32 8.69 -5.01 -1.34
CB MSE B 32 8.10 -7.10 -3.58
CG MSE B 32 8.55 -8.35 -4.32
SE MSE B 32 10.39 -8.80 -3.91
CE MSE B 32 11.26 -7.18 -4.55
N ASP B 33 6.61 -5.77 -0.93
CA ASP B 33 6.16 -4.48 -0.36
C ASP B 33 6.30 -4.41 1.16
N LYS B 34 6.64 -5.53 1.79
CA LYS B 34 6.71 -5.62 3.25
C LYS B 34 8.15 -5.56 3.77
N PRO B 35 8.33 -5.21 5.05
CA PRO B 35 9.66 -5.23 5.65
C PRO B 35 10.27 -6.63 5.58
N THR B 36 11.57 -6.69 5.33
CA THR B 36 12.24 -7.99 5.28
C THR B 36 12.96 -8.27 6.60
N ILE B 37 13.45 -9.48 6.74
CA ILE B 37 14.16 -9.90 7.93
C ILE B 37 15.33 -8.98 8.29
N ILE B 38 15.90 -8.27 7.32
CA ILE B 38 17.05 -7.38 7.63
C ILE B 38 16.75 -5.89 7.48
N SER B 39 15.51 -5.49 7.64
CA SER B 39 15.11 -4.12 7.35
C SER B 39 15.19 -3.24 8.59
N THR B 40 15.10 -1.94 8.38
CA THR B 40 14.91 -1.01 9.50
C THR B 40 13.64 -0.25 9.16
N VAL B 41 12.75 -0.14 10.13
CA VAL B 41 11.45 0.49 9.91
C VAL B 41 11.21 1.59 10.93
N GLU B 42 10.26 2.48 10.62
CA GLU B 42 9.72 3.40 11.61
C GLU B 42 8.22 3.12 11.72
N PHE B 43 7.75 3.00 12.95
CA PHE B 43 6.35 2.65 13.17
C PHE B 43 5.81 3.40 14.36
N SER B 44 4.48 3.34 14.52
CA SER B 44 3.79 3.99 15.62
C SER B 44 2.98 2.99 16.41
N VAL B 45 2.90 3.24 17.73
CA VAL B 45 1.97 2.52 18.59
C VAL B 45 0.87 3.52 18.94
N ASN B 46 -0.39 3.16 18.68
CA ASN B 46 -1.46 4.16 18.75
C ASN B 46 -2.14 4.34 20.09
N LYS B 47 -1.93 3.40 21.01
CA LYS B 47 -2.53 3.49 22.33
C LYS B 47 -1.91 2.44 23.26
N LYS B 48 -2.19 2.51 24.55
CA LYS B 48 -1.60 1.57 25.49
C LYS B 48 -2.02 0.16 25.10
N ALA B 49 -1.13 -0.81 25.24
CA ALA B 49 -1.50 -2.18 24.91
C ALA B 49 -2.45 -2.79 25.94
N THR B 50 -3.20 -3.79 25.54
CA THR B 50 -4.10 -4.47 26.46
C THR B 50 -3.46 -5.78 26.94
N ASN B 51 -3.48 -5.98 28.26
CA ASN B 51 -3.03 -7.22 28.89
C ASN B 51 -1.52 -7.49 28.73
N LEU B 52 -0.74 -6.43 28.57
CA LEU B 52 0.70 -6.58 28.46
C LEU B 52 1.20 -7.09 29.80
N GLY B 53 0.35 -6.99 30.81
CA GLY B 53 0.71 -7.35 32.16
C GLY B 53 1.93 -6.54 32.56
N GLY B 54 3.02 -7.25 32.85
CA GLY B 54 4.27 -6.59 33.20
C GLY B 54 5.39 -7.04 32.30
N ARG B 55 5.04 -7.67 31.19
CA ARG B 55 6.08 -8.15 30.27
C ARG B 55 6.96 -7.03 29.71
N PRO B 56 8.27 -7.26 29.66
CA PRO B 56 9.21 -6.22 29.22
C PRO B 56 9.05 -5.96 27.71
N SER B 57 9.02 -4.68 27.35
CA SER B 57 8.96 -4.26 25.96
C SER B 57 9.59 -2.89 25.86
N LYS B 58 10.45 -2.70 24.87
CA LYS B 58 10.96 -1.36 24.57
C LYS B 58 9.89 -0.56 23.86
N TYR B 59 8.96 -1.22 23.19
CA TYR B 59 8.03 -0.50 22.34
C TYR B 59 6.64 -0.37 22.88
N LEU B 60 6.23 -1.33 23.69
CA LEU B 60 4.85 -1.34 24.22
C LEU B 60 4.76 -0.82 25.64
N VAL B 61 3.65 -0.15 25.95
CA VAL B 61 3.40 0.40 27.27
C VAL B 61 2.00 0.03 27.75
N SER B 65 0.21 5.25 31.49
CA SER B 65 -0.77 6.21 30.98
C SER B 65 -0.10 7.33 30.21
N ALA B 66 0.95 7.00 29.47
CA ALA B 66 1.69 7.97 28.68
C ALA B 66 0.81 8.60 27.60
N THR B 67 1.41 9.44 26.77
CA THR B 67 0.70 10.10 25.68
C THR B 67 1.01 9.45 24.34
N TYR B 68 0.00 9.35 23.49
CA TYR B 68 0.17 8.75 22.17
C TYR B 68 -0.12 9.72 21.04
N PRO B 69 0.27 9.36 19.82
CA PRO B 69 0.87 8.04 19.57
C PRO B 69 2.36 8.00 19.93
N GLN B 70 2.87 6.80 20.14
CA GLN B 70 4.28 6.60 20.42
C GLN B 70 5.02 6.25 19.14
N LYS B 71 6.11 6.95 18.86
CA LYS B 71 6.85 6.77 17.61
C LYS B 71 8.09 5.94 17.87
N HIS B 72 8.46 5.06 16.93
CA HIS B 72 9.64 4.24 17.11
C HIS B 72 10.39 3.91 15.83
N SER B 73 11.66 3.59 16.01
CA SER B 73 12.49 3.11 14.93
C SER B 73 13.01 1.74 15.37
N LEU B 74 12.94 0.76 14.47
CA LEU B 74 13.30 -0.62 14.82
C LEU B 74 14.17 -1.28 13.75
N GLU B 75 15.42 -1.62 14.12
CA GLU B 75 16.26 -2.41 13.23
C GLU B 75 15.93 -3.88 13.45
N MSE B 76 15.41 -4.54 12.42
CA MSE B 76 14.99 -5.93 12.58
C MSE B 76 16.14 -6.80 13.10
O MSE B 76 17.26 -6.73 12.60
CB MSE B 76 14.46 -6.48 11.25
CG MSE B 76 13.19 -5.80 10.78
SE MSE B 76 11.68 -6.01 12.00
CE MSE B 76 10.33 -5.08 10.96
N GLY B 77 15.83 -7.63 14.10
CA GLY B 77 16.81 -8.55 14.64
C GLY B 77 17.56 -8.05 15.86
N THR B 78 17.17 -6.88 16.36
CA THR B 78 17.85 -6.28 17.50
C THR B 78 17.09 -6.45 18.81
N SER B 79 15.84 -6.89 18.71
CA SER B 79 14.99 -7.04 19.89
C SER B 79 15.54 -8.08 20.86
N LEU B 80 15.27 -7.86 22.14
CA LEU B 80 15.81 -8.75 23.20
C LEU B 80 14.74 -9.43 24.08
N THR B 81 13.48 -9.06 23.91
CA THR B 81 12.39 -9.59 24.72
C THR B 81 11.37 -10.32 23.86
N ALA B 82 10.70 -11.28 24.45
CA ALA B 82 9.75 -12.09 23.71
C ALA B 82 8.75 -11.20 23.00
N VAL B 83 8.20 -10.23 23.72
CA VAL B 83 7.17 -9.37 23.12
C VAL B 83 7.74 -8.59 21.93
N ASP B 84 8.93 -8.03 22.10
CA ASP B 84 9.51 -7.27 21.00
C ASP B 84 9.80 -8.17 19.81
N CYS B 85 10.22 -9.38 20.06
CA CYS B 85 10.58 -10.27 18.98
C CYS B 85 9.36 -10.60 18.16
N TYR B 86 8.23 -10.77 18.84
CA TYR B 86 6.99 -11.11 18.16
C TYR B 86 6.47 -9.89 17.41
N LEU B 87 6.72 -8.71 17.97
CA LEU B 87 6.34 -7.49 17.28
C LEU B 87 7.15 -7.22 16.00
N GLU B 88 8.42 -7.64 15.97
CA GLU B 88 9.15 -7.65 14.72
C GLU B 88 8.48 -8.52 13.66
N LEU B 89 8.10 -9.73 14.04
CA LEU B 89 7.48 -10.66 13.12
C LEU B 89 6.19 -10.09 12.54
N LEU B 90 5.38 -9.50 13.42
CA LEU B 90 4.12 -8.91 12.99
C LEU B 90 4.35 -7.76 12.03
N LEU B 91 5.25 -6.85 12.40
CA LEU B 91 5.54 -5.70 11.56
C LEU B 91 5.99 -6.13 10.18
N GLN B 92 6.66 -7.27 10.11
CA GLN B 92 7.16 -7.77 8.84
C GLN B 92 6.03 -8.24 7.92
N GLN B 93 4.81 -8.21 8.42
CA GLN B 93 3.65 -8.52 7.60
C GLN B 93 2.84 -7.28 7.19
N PHE B 94 3.31 -6.09 7.56
CA PHE B 94 2.67 -4.80 7.18
C PHE B 94 3.20 -4.25 5.86
N VAL B 95 2.43 -3.35 5.26
CA VAL B 95 2.96 -2.45 4.23
C VAL B 95 3.01 -1.03 4.80
N PRO B 96 3.97 -0.20 4.37
CA PRO B 96 4.08 1.18 4.88
C PRO B 96 2.77 1.89 4.64
N GLY B 97 2.21 2.52 5.68
CA GLY B 97 0.93 3.18 5.59
C GLY B 97 -0.22 2.42 6.22
N GLU B 98 0.03 1.16 6.58
CA GLU B 98 -0.97 0.29 7.19
C GLU B 98 -1.06 0.40 8.72
N THR B 99 -2.29 0.47 9.23
CA THR B 99 -2.55 0.38 10.66
C THR B 99 -3.29 -0.94 10.85
N ALA B 100 -2.88 -1.71 11.85
CA ALA B 100 -3.51 -3.00 12.10
C ALA B 100 -3.66 -3.24 13.60
N ALA B 101 -4.76 -3.90 13.98
CA ALA B 101 -4.98 -4.38 15.33
C ALA B 101 -4.27 -5.73 15.40
N CYS B 102 -3.32 -5.85 16.32
CA CYS B 102 -2.47 -7.04 16.42
C CYS B 102 -2.66 -7.73 17.77
N SER B 103 -2.36 -9.04 17.80
CA SER B 103 -2.33 -9.73 19.08
C SER B 103 -1.24 -10.78 19.14
N ILE B 104 -0.76 -11.03 20.36
CA ILE B 104 0.13 -12.14 20.62
C ILE B 104 -0.57 -12.99 21.66
N THR B 105 -0.86 -14.24 21.34
CA THR B 105 -1.49 -15.15 22.28
C THR B 105 -0.46 -16.14 22.81
N THR B 106 -0.34 -16.23 24.12
CA THR B 106 0.64 -17.13 24.72
C THR B 106 0.05 -18.52 24.95
N LYS B 107 0.87 -19.42 25.46
CA LYS B 107 0.41 -20.77 25.80
C LYS B 107 -0.62 -20.68 26.92
N THR B 108 -0.41 -19.74 27.82
CA THR B 108 -1.32 -19.49 28.92
C THR B 108 -2.75 -19.37 28.42
N GLY B 109 -2.90 -19.02 27.15
CA GLY B 109 -4.20 -18.82 26.55
C GLY B 109 -4.59 -17.36 26.54
N GLU B 110 -3.78 -16.52 27.16
CA GLU B 110 -4.08 -15.09 27.23
C GLU B 110 -3.55 -14.36 25.99
N ARG B 111 -4.26 -13.30 25.60
CA ARG B 111 -3.88 -12.54 24.43
C ARG B 111 -3.50 -11.11 24.75
N ILE B 112 -2.39 -10.66 24.18
CA ILE B 112 -1.93 -9.29 24.33
C ILE B 112 -2.31 -8.52 23.08
N GLU B 113 -2.99 -7.39 23.25
CA GLU B 113 -3.48 -6.61 22.13
C GLU B 113 -2.86 -5.22 22.01
N PHE B 114 -2.59 -4.80 20.79
CA PHE B 114 -2.03 -3.50 20.52
C PHE B 114 -2.29 -3.08 19.10
N GLU B 115 -2.11 -1.78 18.87
CA GLU B 115 -2.42 -1.21 17.55
C GLU B 115 -1.17 -0.48 17.02
N LEU B 116 -0.72 -0.89 15.84
CA LEU B 116 0.54 -0.42 15.29
C LEU B 116 0.26 0.24 13.97
N LYS B 117 1.11 1.19 13.59
CA LYS B 117 1.12 1.64 12.20
C LYS B 117 2.55 1.62 11.66
N LEU B 118 2.73 0.91 10.56
CA LEU B 118 4.01 0.88 9.87
C LEU B 118 4.09 2.13 9.03
N GLU B 119 5.05 2.98 9.33
CA GLU B 119 5.15 4.26 8.68
C GLU B 119 6.09 4.24 7.49
N LYS B 120 7.23 3.57 7.62
CA LYS B 120 8.26 3.69 6.59
C LYS B 120 9.29 2.57 6.64
N ILE B 121 9.73 2.14 5.46
CA ILE B 121 10.84 1.20 5.37
C ILE B 121 12.09 2.00 5.01
N VAL B 122 12.98 2.16 5.98
CA VAL B 122 14.18 2.96 5.78
C VAL B 122 15.17 2.28 4.82
C FMT C . -20.79 11.00 -17.24
O1 FMT C . -20.77 11.06 -18.47
O2 FMT C . -20.29 10.08 -16.59
C FMT D . 2.84 5.29 -31.77
O1 FMT D . 3.33 5.73 -30.72
O2 FMT D . 2.72 5.96 -32.80
C FMT E . -1.87 -2.81 -24.29
O1 FMT E . -2.52 -1.99 -23.64
O2 FMT E . -0.71 -2.64 -24.67
C FMT F . -18.22 12.09 -18.66
O1 FMT F . -18.57 11.29 -19.53
O2 FMT F . -18.95 12.47 -17.73
C1 PEG G . 5.74 -22.50 19.01
O1 PEG G . 4.88 -23.55 18.77
C2 PEG G . 5.40 -21.56 20.11
O2 PEG G . 4.07 -21.32 20.37
C3 PEG G . 3.71 -20.36 21.29
C4 PEG G . 2.37 -19.74 21.16
O4 PEG G . 1.27 -20.58 21.05
C FMT H . -4.92 -2.09 22.18
O1 FMT H . -5.72 -2.05 23.12
O2 FMT H . -5.07 -2.77 21.18
C FMT I . 14.40 -3.55 28.51
O1 FMT I . 14.17 -3.66 29.71
O2 FMT I . 13.66 -2.98 27.72
C FMT J . -8.31 -1.10 1.11
O1 FMT J . -8.86 -0.01 1.26
O2 FMT J . -8.85 -2.18 1.37
C1 PEG K . -6.46 22.53 -19.07
O1 PEG K . -7.41 23.52 -18.82
C2 PEG K . -6.84 21.53 -20.13
O2 PEG K . -8.00 20.82 -19.91
C3 PEG K . -8.41 19.88 -20.84
C4 PEG K . -9.42 18.86 -20.38
O4 PEG K . -10.63 19.39 -19.91
#